data_8ILJ
#
_entry.id   8ILJ
#
_cell.length_a   50.370
_cell.length_b   109.290
_cell.length_c   112.620
_cell.angle_alpha   90.000
_cell.angle_beta   90.000
_cell.angle_gamma   90.000
#
_symmetry.space_group_name_H-M   'P 21 21 21'
#
loop_
_entity.id
_entity.type
_entity.pdbx_description
1 polymer 'S-formylglutathione hydrolase'
2 water water
#
_entity_poly.entity_id   1
_entity_poly.type   'polypeptide(L)'
_entity_poly.pdbx_seq_one_letter_code
;MLELVEEHRCFSGVQRTYKHDSQTIGLPMRFSVFLPPQAAHGKVPALFYLAGLTCTEETFAIKAGAQRFASEHGIALIGP
DTSPRGAGVPNEGAAWDFGVGAGFYVDATQEPWARNYRMYSYVTQELRTTVLAELPVREDRLGIFGHSMGGHGALVLALR
NPDIYKSVSAFAPIAAPSHCPWGEKAFSGYLGDDRETWKQYDASELVKSAKTKFDAGILIDQGLADNFLATQLHPEIFEA
AAKAAGQAVTLRRHEGYDHGYYFISTFIGEHVAFHARTLCA
;
_entity_poly.pdbx_strand_id   A,B
#
# COMPACT_ATOMS: atom_id res chain seq x y z
N MET A 1 -11.38 26.90 -6.44
CA MET A 1 -9.93 27.01 -6.47
C MET A 1 -9.27 25.83 -5.74
N LEU A 2 -8.10 26.06 -5.16
CA LEU A 2 -7.25 24.97 -4.66
C LEU A 2 -7.78 24.50 -3.31
N GLU A 3 -8.32 23.29 -3.29
CA GLU A 3 -8.97 22.75 -2.10
C GLU A 3 -8.19 21.55 -1.59
N LEU A 4 -7.80 21.59 -0.31
CA LEU A 4 -7.21 20.43 0.32
C LEU A 4 -8.34 19.53 0.79
N VAL A 5 -8.39 18.30 0.28
CA VAL A 5 -9.50 17.39 0.59
C VAL A 5 -9.09 16.16 1.38
N GLU A 6 -7.80 15.86 1.49
CA GLU A 6 -7.32 14.76 2.32
C GLU A 6 -5.95 15.15 2.84
N GLU A 7 -5.62 14.76 4.08
CA GLU A 7 -4.27 14.96 4.59
C GLU A 7 -4.00 13.98 5.72
N HIS A 8 -2.87 13.28 5.63
CA HIS A 8 -2.46 12.33 6.65
C HIS A 8 -0.96 12.46 6.85
N ARG A 9 -0.54 12.62 8.11
CA ARG A 9 0.87 12.63 8.39
C ARG A 9 1.47 11.27 8.05
N CYS A 10 2.67 11.28 7.48
CA CYS A 10 3.24 10.06 6.92
C CYS A 10 4.75 10.24 6.85
N PHE A 11 5.49 9.39 7.54
CA PHE A 11 6.97 9.43 7.53
C PHE A 11 7.49 10.86 7.78
N SER A 12 6.89 11.53 8.76
CA SER A 12 7.24 12.85 9.26
C SER A 12 6.97 13.95 8.24
N GLY A 13 6.40 13.62 7.08
CA GLY A 13 5.81 14.58 6.20
C GLY A 13 4.30 14.46 6.15
N VAL A 14 3.72 14.97 5.07
CA VAL A 14 2.26 14.95 4.90
C VAL A 14 1.93 14.36 3.54
N GLN A 15 0.98 13.42 3.53
CA GLN A 15 0.34 12.92 2.31
C GLN A 15 -0.97 13.66 2.13
N ARG A 16 -1.07 14.48 1.09
CA ARG A 16 -2.22 15.32 0.83
C ARG A 16 -2.90 14.91 -0.47
N THR A 17 -4.19 15.20 -0.57
CA THR A 17 -4.85 15.21 -1.86
C THR A 17 -5.49 16.57 -2.05
N TYR A 18 -5.26 17.17 -3.21
CA TYR A 18 -5.84 18.45 -3.58
C TYR A 18 -6.86 18.28 -4.69
N LYS A 19 -7.87 19.15 -4.68
CA LYS A 19 -8.80 19.31 -5.79
C LYS A 19 -8.62 20.72 -6.33
N HIS A 20 -8.59 20.86 -7.66
CA HIS A 20 -8.56 22.20 -8.24
C HIS A 20 -9.35 22.23 -9.54
N ASP A 21 -9.75 23.45 -9.93
CA ASP A 21 -10.46 23.65 -11.19
C ASP A 21 -9.43 23.79 -12.31
N SER A 22 -9.33 22.77 -13.14
CA SER A 22 -8.31 22.74 -14.18
C SER A 22 -8.80 23.52 -15.38
N GLN A 23 -8.01 24.48 -15.84
CA GLN A 23 -8.38 25.21 -17.05
C GLN A 23 -8.10 24.37 -18.29
N THR A 24 -7.05 23.56 -18.24
CA THR A 24 -6.67 22.73 -19.37
C THR A 24 -7.67 21.59 -19.59
N ILE A 25 -8.11 20.95 -18.50
CA ILE A 25 -9.11 19.88 -18.63
C ILE A 25 -10.51 20.49 -18.74
N GLY A 26 -10.74 21.65 -18.13
CA GLY A 26 -12.06 22.25 -18.12
C GLY A 26 -12.98 21.72 -17.05
N LEU A 27 -12.47 20.90 -16.13
CA LEU A 27 -13.20 20.22 -15.07
C LEU A 27 -12.38 20.20 -13.79
N PRO A 28 -12.98 19.87 -12.65
CA PRO A 28 -12.17 19.66 -11.44
C PRO A 28 -11.26 18.45 -11.59
N MET A 29 -10.05 18.54 -11.04
CA MET A 29 -9.12 17.42 -11.04
C MET A 29 -8.56 17.22 -9.64
N ARG A 30 -8.24 15.97 -9.31
CA ARG A 30 -7.63 15.62 -8.03
C ARG A 30 -6.19 15.22 -8.28
N PHE A 31 -5.30 15.64 -7.39
CA PHE A 31 -3.92 15.17 -7.45
C PHE A 31 -3.37 14.95 -6.05
N SER A 32 -2.49 13.96 -5.92
CA SER A 32 -1.86 13.67 -4.63
C SER A 32 -0.52 14.40 -4.50
N VAL A 33 -0.19 14.75 -3.25
CA VAL A 33 1.07 15.42 -2.92
C VAL A 33 1.63 14.81 -1.65
N PHE A 34 2.85 14.27 -1.71
CA PHE A 34 3.60 13.97 -0.50
C PHE A 34 4.70 15.01 -0.33
N LEU A 35 4.66 15.73 0.78
CA LEU A 35 5.75 16.64 1.14
C LEU A 35 6.60 16.00 2.21
N PRO A 36 7.91 15.91 2.00
CA PRO A 36 8.79 15.36 3.01
C PRO A 36 9.02 16.35 4.13
N PRO A 37 9.58 15.92 5.25
CA PRO A 37 9.88 16.87 6.36
C PRO A 37 10.73 18.04 5.93
N GLN A 38 11.65 17.85 4.99
CA GLN A 38 12.53 18.93 4.56
C GLN A 38 11.79 20.08 3.90
N ALA A 39 10.60 19.83 3.34
CA ALA A 39 9.86 20.93 2.73
C ALA A 39 9.46 21.99 3.73
N ALA A 40 9.57 21.70 5.03
CA ALA A 40 9.26 22.69 6.06
C ALA A 40 10.31 23.80 6.14
N HIS A 41 11.54 23.57 5.68
CA HIS A 41 12.56 24.62 5.78
C HIS A 41 13.05 25.11 4.43
N GLY A 42 12.39 24.75 3.34
CA GLY A 42 12.78 25.27 2.05
C GLY A 42 12.16 24.45 0.95
N LYS A 43 12.32 24.92 -0.28
CA LYS A 43 11.77 24.21 -1.43
C LYS A 43 12.55 22.92 -1.66
N VAL A 44 11.86 21.90 -2.15
CA VAL A 44 12.46 20.60 -2.36
C VAL A 44 12.30 20.21 -3.83
N PRO A 45 13.12 19.29 -4.32
CA PRO A 45 12.87 18.71 -5.64
C PRO A 45 11.60 17.89 -5.59
N ALA A 46 11.07 17.59 -6.78
CA ALA A 46 9.86 16.81 -6.83
C ALA A 46 9.92 15.81 -7.97
N LEU A 47 9.27 14.67 -7.72
CA LEU A 47 9.07 13.63 -8.71
C LEU A 47 7.58 13.56 -8.99
N PHE A 48 7.21 13.58 -10.28
CA PHE A 48 5.85 13.27 -10.70
C PHE A 48 5.75 11.78 -10.99
N TYR A 49 4.74 11.11 -10.41
CA TYR A 49 4.50 9.70 -10.69
C TYR A 49 3.20 9.55 -11.46
N LEU A 50 3.27 8.93 -12.63
CA LEU A 50 2.09 8.74 -13.47
C LEU A 50 1.62 7.30 -13.34
N ALA A 51 0.34 7.14 -13.01
CA ALA A 51 -0.21 5.81 -12.79
C ALA A 51 -0.70 5.20 -14.09
N GLY A 52 -0.98 3.89 -14.04
CA GLY A 52 -1.41 3.13 -15.19
C GLY A 52 -2.92 3.08 -15.33
N LEU A 53 -3.36 2.29 -16.33
CA LEU A 53 -4.78 2.13 -16.62
C LEU A 53 -5.58 1.78 -15.37
N THR A 54 -6.76 2.39 -15.28
CA THR A 54 -7.82 2.23 -14.24
C THR A 54 -7.42 2.88 -12.92
N CYS A 55 -6.20 3.37 -12.82
CA CYS A 55 -5.76 3.93 -11.54
C CYS A 55 -6.31 5.34 -11.29
N THR A 56 -6.03 5.84 -10.10
CA THR A 56 -6.41 7.22 -9.72
C THR A 56 -5.19 7.94 -9.18
N GLU A 57 -5.49 9.14 -8.58
CA GLU A 57 -4.34 9.92 -8.05
C GLU A 57 -3.75 9.28 -6.79
N GLU A 58 -4.52 8.45 -6.14
CA GLU A 58 -4.05 7.90 -4.84
C GLU A 58 -3.46 6.49 -4.95
N THR A 59 -3.58 5.81 -6.09
CA THR A 59 -3.06 4.42 -6.18
C THR A 59 -1.61 4.33 -5.72
N PHE A 60 -0.77 5.18 -6.26
CA PHE A 60 0.65 5.23 -5.91
C PHE A 60 0.85 5.50 -4.41
N ALA A 61 0.19 6.53 -3.89
CA ALA A 61 0.28 6.87 -2.48
C ALA A 61 -0.06 5.69 -1.58
N ILE A 62 -1.06 4.90 -1.96
CA ILE A 62 -1.49 3.82 -1.10
C ILE A 62 -0.59 2.60 -1.24
N LYS A 63 -0.19 2.27 -2.48
CA LYS A 63 0.32 0.93 -2.77
C LYS A 63 1.82 0.84 -2.99
N ALA A 64 2.54 1.94 -3.19
CA ALA A 64 3.93 1.84 -3.62
C ALA A 64 4.93 1.94 -2.47
N GLY A 65 4.53 2.43 -1.31
CA GLY A 65 5.50 2.62 -0.23
C GLY A 65 6.59 3.62 -0.53
N ALA A 66 6.30 4.63 -1.35
CA ALA A 66 7.38 5.51 -1.81
C ALA A 66 7.70 6.62 -0.81
N GLN A 67 6.75 6.97 0.06
CA GLN A 67 6.92 8.13 0.98
C GLN A 67 8.14 7.95 1.90
N ARG A 68 8.39 6.72 2.31
CA ARG A 68 9.56 6.47 3.17
C ARG A 68 10.85 6.94 2.50
N PHE A 69 10.99 6.64 1.22
CA PHE A 69 12.20 7.00 0.46
C PHE A 69 12.21 8.48 0.14
N ALA A 70 11.04 9.02 -0.19
CA ALA A 70 10.99 10.46 -0.42
C ALA A 70 11.35 11.25 0.83
N SER A 71 10.97 10.74 2.00
CA SER A 71 11.31 11.46 3.22
C SER A 71 12.79 11.32 3.53
N GLU A 72 13.39 10.17 3.22
CA GLU A 72 14.83 10.03 3.42
C GLU A 72 15.63 10.99 2.54
N HIS A 73 15.24 11.15 1.26
CA HIS A 73 16.01 11.98 0.34
C HIS A 73 15.51 13.41 0.23
N GLY A 74 14.37 13.72 0.83
CA GLY A 74 13.84 15.08 0.77
C GLY A 74 13.31 15.45 -0.59
N ILE A 75 12.46 14.57 -1.13
CA ILE A 75 11.82 14.75 -2.44
C ILE A 75 10.32 14.77 -2.23
N ALA A 76 9.63 15.74 -2.83
CA ALA A 76 8.19 15.68 -2.88
C ALA A 76 7.73 14.72 -3.97
N LEU A 77 6.55 14.14 -3.77
CA LEU A 77 5.94 13.24 -4.75
C LEU A 77 4.59 13.79 -5.18
N ILE A 78 4.40 13.95 -6.48
CA ILE A 78 3.17 14.49 -7.04
C ILE A 78 2.54 13.42 -7.92
N GLY A 79 1.29 13.08 -7.63
CA GLY A 79 0.61 12.06 -8.39
C GLY A 79 -0.63 12.60 -9.08
N PRO A 80 -0.56 12.82 -10.38
CA PRO A 80 -1.75 13.24 -11.11
C PRO A 80 -2.74 12.10 -11.22
N ASP A 81 -3.98 12.45 -11.58
CA ASP A 81 -4.94 11.45 -11.99
C ASP A 81 -4.56 10.91 -13.36
N THR A 82 -5.29 9.88 -13.79
CA THR A 82 -5.02 9.20 -15.06
C THR A 82 -5.89 9.69 -16.21
N SER A 83 -6.91 10.49 -15.93
CA SER A 83 -7.81 10.98 -16.97
C SER A 83 -8.66 12.09 -16.40
N PRO A 84 -9.39 12.83 -17.23
CA PRO A 84 -10.48 13.65 -16.70
C PRO A 84 -11.51 12.75 -16.01
N ARG A 85 -12.24 13.34 -15.06
CA ARG A 85 -13.32 12.64 -14.38
C ARG A 85 -14.61 13.41 -14.61
N GLY A 86 -15.68 12.67 -14.89
CA GLY A 86 -17.00 13.26 -15.04
C GLY A 86 -17.14 14.23 -16.19
N ALA A 87 -16.51 13.92 -17.32
CA ALA A 87 -16.54 14.84 -18.46
C ALA A 87 -17.87 14.78 -19.20
N GLY A 88 -18.65 13.72 -18.99
CA GLY A 88 -19.92 13.60 -19.67
C GLY A 88 -19.85 13.26 -21.14
N VAL A 89 -18.67 12.87 -21.63
CA VAL A 89 -18.56 12.40 -23.01
C VAL A 89 -19.31 11.07 -23.13
N PRO A 90 -20.14 10.89 -24.14
CA PRO A 90 -20.95 9.66 -24.22
C PRO A 90 -20.08 8.41 -24.18
N ASN A 91 -20.44 7.49 -23.30
CA ASN A 91 -19.81 6.17 -23.20
C ASN A 91 -18.32 6.25 -22.90
N GLU A 92 -17.85 7.35 -22.30
CA GLU A 92 -16.42 7.44 -22.03
C GLU A 92 -15.96 6.40 -21.02
N GLY A 93 -16.87 5.69 -20.37
CA GLY A 93 -16.48 4.66 -19.42
C GLY A 93 -16.76 3.25 -19.90
N ALA A 94 -16.95 3.09 -21.21
CA ALA A 94 -17.40 1.80 -21.74
C ALA A 94 -16.34 0.72 -21.59
N ALA A 95 -15.07 1.09 -21.69
CA ALA A 95 -14.00 0.09 -21.68
C ALA A 95 -12.90 0.59 -20.75
N TRP A 96 -12.20 -0.34 -20.11
CA TRP A 96 -11.20 0.11 -19.15
C TRP A 96 -9.87 0.49 -19.80
N ASP A 97 -9.70 0.24 -21.09
CA ASP A 97 -8.46 0.56 -21.77
C ASP A 97 -8.56 1.85 -22.58
N PHE A 98 -9.60 2.65 -22.37
CA PHE A 98 -9.80 3.88 -23.13
C PHE A 98 -10.78 4.77 -22.37
N GLY A 99 -10.60 6.08 -22.51
CA GLY A 99 -11.48 7.02 -21.84
C GLY A 99 -11.17 7.20 -20.36
N VAL A 100 -12.17 6.98 -19.50
CA VAL A 100 -12.02 7.21 -18.07
C VAL A 100 -10.94 6.29 -17.51
N GLY A 101 -10.03 6.86 -16.70
CA GLY A 101 -8.93 6.09 -16.21
C GLY A 101 -7.90 5.71 -17.25
N ALA A 102 -7.93 6.32 -18.43
CA ALA A 102 -7.15 5.82 -19.56
C ALA A 102 -6.82 6.95 -20.53
N GLY A 103 -6.34 8.08 -19.99
CA GLY A 103 -6.06 9.22 -20.85
C GLY A 103 -4.80 9.12 -21.69
N PHE A 104 -3.94 8.16 -21.39
CA PHE A 104 -2.68 7.89 -22.10
C PHE A 104 -1.74 9.10 -22.18
N TYR A 105 -1.97 10.11 -21.34
CA TYR A 105 -1.09 11.27 -21.23
C TYR A 105 -0.85 11.93 -22.58
N VAL A 106 -1.88 11.95 -23.43
CA VAL A 106 -1.83 12.66 -24.70
C VAL A 106 -2.77 13.85 -24.63
N ASP A 107 -2.62 14.76 -25.59
CA ASP A 107 -3.61 15.80 -25.88
C ASP A 107 -4.46 15.32 -27.06
N ALA A 108 -5.69 14.90 -26.78
CA ALA A 108 -6.57 14.44 -27.86
C ALA A 108 -6.86 15.56 -28.85
N THR A 109 -6.93 15.21 -30.12
CA THR A 109 -7.27 16.16 -31.17
C THR A 109 -8.61 15.85 -31.82
N GLN A 110 -9.13 14.67 -31.54
CA GLN A 110 -10.38 14.23 -32.17
C GLN A 110 -11.57 14.48 -31.25
N GLU A 111 -12.65 15.01 -31.77
CA GLU A 111 -13.86 15.14 -30.93
C GLU A 111 -14.46 13.76 -30.74
N PRO A 112 -15.13 13.46 -29.61
CA PRO A 112 -15.43 14.43 -28.57
C PRO A 112 -14.39 14.48 -27.44
N TRP A 113 -13.26 13.81 -27.63
CA TRP A 113 -12.21 13.74 -26.62
C TRP A 113 -11.40 15.02 -26.54
N ALA A 114 -11.36 15.80 -27.63
CA ALA A 114 -10.47 16.95 -27.65
C ALA A 114 -10.85 18.00 -26.63
N ARG A 115 -12.14 18.07 -26.24
CA ARG A 115 -12.57 19.11 -25.30
C ARG A 115 -11.87 18.97 -23.96
N ASN A 116 -11.85 17.77 -23.37
CA ASN A 116 -11.34 17.62 -22.02
C ASN A 116 -10.10 16.75 -21.89
N TYR A 117 -9.83 15.84 -22.82
CA TYR A 117 -8.76 14.86 -22.67
C TYR A 117 -7.42 15.47 -23.14
N ARG A 118 -6.93 16.38 -22.31
CA ARG A 118 -5.70 17.11 -22.59
C ARG A 118 -4.70 16.82 -21.47
N MET A 119 -4.46 15.53 -21.20
CA MET A 119 -3.61 15.15 -20.08
C MET A 119 -2.15 15.50 -20.30
N TYR A 120 -1.69 15.57 -21.56
CA TYR A 120 -0.30 15.97 -21.82
C TYR A 120 -0.05 17.40 -21.38
N SER A 121 -0.87 18.32 -21.86
CA SER A 121 -0.73 19.72 -21.45
C SER A 121 -1.00 19.90 -19.96
N TYR A 122 -1.97 19.15 -19.42
CA TYR A 122 -2.26 19.24 -18.00
C TYR A 122 -1.05 18.90 -17.16
N VAL A 123 -0.43 17.74 -17.40
CA VAL A 123 0.70 17.34 -16.55
C VAL A 123 1.92 18.24 -16.77
N THR A 124 2.26 18.51 -18.03
CA THR A 124 3.50 19.24 -18.32
C THR A 124 3.40 20.75 -18.05
N GLN A 125 2.19 21.31 -18.08
CA GLN A 125 2.10 22.75 -17.87
C GLN A 125 1.24 23.09 -16.66
N GLU A 126 -0.10 23.01 -16.77
CA GLU A 126 -0.96 23.53 -15.71
C GLU A 126 -0.67 22.89 -14.34
N LEU A 127 -0.62 21.55 -14.27
CA LEU A 127 -0.35 20.94 -12.97
C LEU A 127 1.01 21.33 -12.43
N ARG A 128 2.01 21.34 -13.30
CA ARG A 128 3.36 21.74 -12.91
C ARG A 128 3.35 23.17 -12.34
N THR A 129 2.74 24.11 -13.06
CA THR A 129 2.81 25.50 -12.58
C THR A 129 1.96 25.71 -11.32
N THR A 130 0.84 25.00 -11.19
CA THR A 130 0.06 25.06 -9.95
C THR A 130 0.89 24.56 -8.76
N VAL A 131 1.61 23.45 -8.95
CA VAL A 131 2.47 22.91 -7.90
C VAL A 131 3.57 23.91 -7.54
N LEU A 132 4.21 24.48 -8.57
CA LEU A 132 5.31 25.42 -8.31
C LEU A 132 4.81 26.70 -7.66
N ALA A 133 3.58 27.10 -7.94
CA ALA A 133 3.08 28.34 -7.36
C ALA A 133 2.63 28.16 -5.92
N GLU A 134 2.11 26.99 -5.56
CA GLU A 134 1.37 26.82 -4.32
C GLU A 134 2.04 25.91 -3.31
N LEU A 135 3.12 25.23 -3.69
CA LEU A 135 3.79 24.25 -2.86
C LEU A 135 5.28 24.49 -2.86
N PRO A 136 6.00 24.04 -1.83
CA PRO A 136 7.44 24.37 -1.71
C PRO A 136 8.30 23.43 -2.54
N VAL A 137 8.25 23.62 -3.86
CA VAL A 137 8.85 22.72 -4.82
C VAL A 137 9.78 23.52 -5.73
N ARG A 138 10.97 22.98 -5.97
CA ARG A 138 11.99 23.64 -6.81
C ARG A 138 11.66 23.47 -8.29
N GLU A 139 11.54 24.58 -9.02
CA GLU A 139 11.22 24.52 -10.43
C GLU A 139 12.30 23.81 -11.23
N ASP A 140 13.56 23.96 -10.85
CA ASP A 140 14.67 23.44 -11.63
C ASP A 140 15.07 22.01 -11.26
N ARG A 141 14.35 21.35 -10.35
CA ARG A 141 14.72 20.01 -9.90
C ARG A 141 13.50 19.10 -9.93
N LEU A 142 12.93 18.92 -11.10
CA LEU A 142 11.78 18.04 -11.28
C LEU A 142 12.17 16.82 -12.09
N GLY A 143 11.64 15.65 -11.71
CA GLY A 143 11.78 14.45 -12.49
C GLY A 143 10.44 13.75 -12.64
N ILE A 144 10.45 12.66 -13.39
CA ILE A 144 9.18 11.99 -13.71
C ILE A 144 9.38 10.47 -13.79
N PHE A 145 8.42 9.75 -13.24
CA PHE A 145 8.44 8.28 -13.34
C PHE A 145 7.00 7.76 -13.38
N GLY A 146 6.83 6.47 -13.59
CA GLY A 146 5.46 5.97 -13.70
C GLY A 146 5.42 4.50 -14.04
N HIS A 147 4.21 4.00 -14.17
CA HIS A 147 3.99 2.56 -14.37
C HIS A 147 3.06 2.27 -15.58
N SER A 148 3.49 1.39 -16.50
CA SER A 148 2.65 0.92 -17.63
C SER A 148 2.21 2.09 -18.54
N MET A 149 0.92 2.39 -18.59
CA MET A 149 0.48 3.62 -19.31
C MET A 149 1.24 4.81 -18.70
N GLY A 150 1.52 4.77 -17.40
CA GLY A 150 2.28 5.85 -16.81
C GLY A 150 3.75 5.78 -17.07
N GLY A 151 4.26 4.61 -17.45
CA GLY A 151 5.66 4.48 -17.79
C GLY A 151 5.89 4.99 -19.19
N HIS A 152 4.91 4.70 -20.05
CA HIS A 152 4.80 5.36 -21.34
C HIS A 152 4.75 6.86 -21.17
N GLY A 153 3.88 7.34 -20.27
CA GLY A 153 3.79 8.77 -20.02
C GLY A 153 5.10 9.37 -19.56
N ALA A 154 5.77 8.71 -18.59
CA ALA A 154 7.01 9.26 -18.04
C ALA A 154 8.07 9.37 -19.13
N LEU A 155 8.25 8.30 -19.93
CA LEU A 155 9.23 8.35 -21.01
C LEU A 155 8.88 9.42 -22.04
N VAL A 156 7.62 9.44 -22.47
CA VAL A 156 7.19 10.41 -23.49
C VAL A 156 7.39 11.84 -22.97
N LEU A 157 6.93 12.13 -21.75
CA LEU A 157 7.00 13.50 -21.27
C LEU A 157 8.44 13.94 -21.07
N ALA A 158 9.30 13.03 -20.60
CA ALA A 158 10.70 13.40 -20.37
C ALA A 158 11.42 13.65 -21.70
N LEU A 159 11.25 12.74 -22.67
CA LEU A 159 11.96 12.90 -23.93
C LEU A 159 11.48 14.12 -24.71
N ARG A 160 10.23 14.55 -24.52
CA ARG A 160 9.75 15.74 -25.20
C ARG A 160 10.10 17.04 -24.46
N ASN A 161 10.36 16.98 -23.15
CA ASN A 161 10.54 18.19 -22.35
C ASN A 161 11.81 18.12 -21.50
N PRO A 162 12.99 18.03 -22.13
CA PRO A 162 14.23 17.91 -21.36
C PRO A 162 14.56 19.12 -20.51
N ASP A 163 14.00 20.31 -20.81
CA ASP A 163 14.22 21.46 -19.96
C ASP A 163 13.29 21.48 -18.75
N ILE A 164 12.33 20.57 -18.69
CA ILE A 164 11.45 20.41 -17.51
C ILE A 164 11.89 19.24 -16.65
N TYR A 165 12.00 18.05 -17.23
CA TYR A 165 12.25 16.83 -16.48
C TYR A 165 13.73 16.50 -16.54
N LYS A 166 14.39 16.56 -15.38
CA LYS A 166 15.83 16.37 -15.30
C LYS A 166 16.24 14.93 -15.11
N SER A 167 15.30 14.05 -14.74
CA SER A 167 15.56 12.63 -14.58
C SER A 167 14.29 11.87 -14.93
N VAL A 168 14.44 10.63 -15.39
CA VAL A 168 13.27 9.85 -15.81
C VAL A 168 13.53 8.38 -15.55
N SER A 169 12.48 7.67 -15.09
CA SER A 169 12.56 6.22 -14.93
C SER A 169 11.17 5.64 -15.12
N ALA A 170 11.09 4.31 -15.17
CA ALA A 170 9.79 3.71 -15.47
C ALA A 170 9.72 2.28 -14.94
N PHE A 171 8.51 1.89 -14.58
CA PHE A 171 8.16 0.51 -14.23
C PHE A 171 7.26 -0.05 -15.33
N ALA A 172 7.73 -1.11 -15.98
CA ALA A 172 6.96 -1.86 -16.98
C ALA A 172 6.22 -0.93 -17.97
N PRO A 173 6.95 -0.04 -18.63
CA PRO A 173 6.26 0.94 -19.50
C PRO A 173 5.69 0.32 -20.76
N ILE A 174 4.65 0.97 -21.30
CA ILE A 174 4.26 0.68 -22.68
C ILE A 174 5.28 1.37 -23.58
N ALA A 175 6.25 0.60 -24.08
CA ALA A 175 7.45 1.19 -24.65
C ALA A 175 7.29 1.57 -26.11
N ALA A 176 6.35 0.94 -26.83
CA ALA A 176 6.14 1.21 -28.24
C ALA A 176 4.64 1.21 -28.51
N PRO A 177 3.93 2.23 -28.03
CA PRO A 177 2.47 2.22 -28.14
C PRO A 177 1.95 2.17 -29.55
N SER A 178 2.71 2.65 -30.53
CA SER A 178 2.26 2.55 -31.92
C SER A 178 2.16 1.12 -32.40
N HIS A 179 2.70 0.17 -31.66
CA HIS A 179 2.78 -1.22 -32.08
C HIS A 179 2.23 -2.14 -31.01
N CYS A 180 1.25 -1.68 -30.24
CA CYS A 180 0.54 -2.64 -29.41
C CYS A 180 -0.92 -2.23 -29.32
N PRO A 181 -1.82 -3.18 -29.02
CA PRO A 181 -3.26 -2.89 -29.09
C PRO A 181 -3.70 -1.76 -28.18
N TRP A 182 -3.16 -1.67 -26.96
CA TRP A 182 -3.52 -0.57 -26.08
C TRP A 182 -3.23 0.78 -26.75
N GLY A 183 -2.03 0.92 -27.31
CA GLY A 183 -1.68 2.19 -27.94
C GLY A 183 -2.43 2.45 -29.22
N GLU A 184 -2.59 1.42 -30.05
CA GLU A 184 -3.29 1.61 -31.32
C GLU A 184 -4.73 2.03 -31.10
N LYS A 185 -5.40 1.46 -30.09
CA LYS A 185 -6.77 1.86 -29.82
C LYS A 185 -6.82 3.29 -29.32
N ALA A 186 -5.95 3.62 -28.36
CA ALA A 186 -6.00 4.93 -27.73
C ALA A 186 -5.62 6.01 -28.73
N PHE A 187 -4.54 5.80 -29.48
CA PHE A 187 -4.11 6.79 -30.45
C PHE A 187 -5.15 6.95 -31.55
N SER A 188 -5.67 5.85 -32.08
CA SER A 188 -6.74 5.94 -33.08
C SER A 188 -7.89 6.79 -32.56
N GLY A 189 -8.33 6.54 -31.33
CA GLY A 189 -9.46 7.28 -30.80
C GLY A 189 -9.13 8.73 -30.50
N TYR A 190 -8.02 8.96 -29.79
CA TYR A 190 -7.68 10.31 -29.34
C TYR A 190 -7.07 11.16 -30.45
N LEU A 191 -6.31 10.54 -31.35
CA LEU A 191 -5.48 11.27 -32.28
C LEU A 191 -5.88 11.11 -33.73
N GLY A 192 -6.67 10.09 -34.07
CA GLY A 192 -7.04 9.87 -35.44
C GLY A 192 -6.14 8.86 -36.13
N ASP A 193 -6.40 8.64 -37.41
CA ASP A 193 -5.72 7.57 -38.19
C ASP A 193 -4.35 7.95 -38.76
N ASP A 194 -3.94 9.20 -38.71
CA ASP A 194 -2.61 9.55 -39.20
C ASP A 194 -1.57 9.08 -38.19
N ARG A 195 -0.98 7.94 -38.45
CA ARG A 195 0.02 7.32 -37.56
C ARG A 195 1.23 8.24 -37.35
N GLU A 196 1.51 9.15 -38.27
CA GLU A 196 2.60 10.08 -38.03
C GLU A 196 2.35 10.90 -36.77
N THR A 197 1.08 11.25 -36.51
CA THR A 197 0.77 12.04 -35.33
C THR A 197 1.00 11.26 -34.04
N TRP A 198 1.05 9.94 -34.15
CA TRP A 198 1.25 9.08 -32.95
C TRP A 198 2.71 9.07 -32.50
N LYS A 199 3.63 9.33 -33.41
CA LYS A 199 5.08 9.25 -33.10
C LYS A 199 5.49 10.20 -31.98
N GLN A 200 4.85 11.36 -31.82
CA GLN A 200 5.13 12.35 -30.74
C GLN A 200 4.75 11.84 -29.34
N TYR A 201 4.02 10.74 -29.22
CA TYR A 201 3.63 10.10 -27.95
C TYR A 201 4.13 8.65 -27.91
N ASP A 202 5.19 8.32 -28.63
CA ASP A 202 5.71 6.95 -28.65
C ASP A 202 7.16 7.00 -28.18
N ALA A 203 7.44 6.41 -27.02
CA ALA A 203 8.79 6.51 -26.45
C ALA A 203 9.83 5.95 -27.40
N SER A 204 9.50 4.86 -28.09
CA SER A 204 10.47 4.23 -28.99
C SER A 204 10.74 5.11 -30.20
N GLU A 205 9.74 5.82 -30.70
CA GLU A 205 9.98 6.76 -31.79
C GLU A 205 10.71 8.00 -31.29
N LEU A 206 10.32 8.52 -30.12
CA LEU A 206 10.95 9.73 -29.61
C LEU A 206 12.44 9.53 -29.35
N VAL A 207 12.82 8.34 -28.87
CA VAL A 207 14.23 8.19 -28.52
C VAL A 207 15.10 8.12 -29.78
N LYS A 208 14.52 7.69 -30.89
CA LYS A 208 15.27 7.64 -32.15
C LYS A 208 15.71 9.03 -32.58
N SER A 209 14.95 10.07 -32.22
CA SER A 209 15.28 11.44 -32.70
C SER A 209 15.68 12.40 -31.57
N ALA A 210 15.68 11.93 -30.32
CA ALA A 210 16.05 12.81 -29.18
C ALA A 210 17.49 13.28 -29.37
N LYS A 211 17.73 14.60 -29.39
CA LYS A 211 19.06 15.24 -29.68
C LYS A 211 19.80 15.33 -28.36
N THR A 212 19.05 15.82 -27.38
CA THR A 212 19.44 15.96 -25.97
C THR A 212 19.53 14.56 -25.37
N LYS A 213 20.41 14.33 -24.40
CA LYS A 213 20.52 12.97 -23.80
C LYS A 213 20.42 13.11 -22.29
N PHE A 214 19.94 12.06 -21.61
CA PHE A 214 19.93 12.05 -20.13
C PHE A 214 21.23 11.37 -19.74
N ASP A 215 22.24 12.12 -19.31
CA ASP A 215 23.59 11.54 -19.13
C ASP A 215 23.67 10.62 -17.92
N ALA A 216 22.74 10.77 -16.97
CA ALA A 216 22.63 9.83 -15.84
C ALA A 216 21.94 8.54 -16.32
N GLY A 217 21.40 8.57 -17.53
CA GLY A 217 20.77 7.42 -18.15
C GLY A 217 19.28 7.35 -17.89
N ILE A 218 18.63 6.34 -18.46
CA ILE A 218 17.19 6.11 -18.23
C ILE A 218 17.05 4.75 -17.56
N LEU A 219 16.42 4.73 -16.38
CA LEU A 219 16.23 3.48 -15.61
C LEU A 219 14.83 2.88 -15.85
N ILE A 220 14.80 1.62 -16.26
CA ILE A 220 13.50 0.92 -16.47
C ILE A 220 13.59 -0.43 -15.78
N ASP A 221 12.60 -0.75 -14.96
CA ASP A 221 12.52 -2.09 -14.34
C ASP A 221 11.34 -2.83 -14.98
N GLN A 222 11.55 -4.09 -15.31
CA GLN A 222 10.51 -4.92 -15.95
C GLN A 222 10.51 -6.30 -15.31
N GLY A 223 9.34 -6.75 -14.92
CA GLY A 223 9.20 -8.10 -14.34
C GLY A 223 9.05 -9.09 -15.46
N LEU A 224 9.70 -10.23 -15.35
CA LEU A 224 9.68 -11.20 -16.48
C LEU A 224 8.42 -12.07 -16.47
N ALA A 225 7.67 -12.03 -15.39
CA ALA A 225 6.41 -12.80 -15.29
C ALA A 225 5.23 -11.89 -15.60
N ASP A 226 5.52 -10.64 -15.94
CA ASP A 226 4.47 -9.66 -16.29
C ASP A 226 3.60 -10.22 -17.42
N ASN A 227 2.29 -10.30 -17.21
CA ASN A 227 1.34 -10.85 -18.21
C ASN A 227 1.25 -10.02 -19.51
N PHE A 228 1.64 -8.76 -19.48
CA PHE A 228 1.55 -7.85 -20.64
C PHE A 228 2.89 -7.67 -21.35
N LEU A 229 3.91 -8.38 -20.91
CA LEU A 229 5.28 -8.19 -21.46
C LEU A 229 5.31 -8.34 -22.97
N ALA A 230 4.68 -9.39 -23.47
CA ALA A 230 4.74 -9.62 -24.93
C ALA A 230 3.48 -9.10 -25.64
N THR A 231 2.41 -8.90 -24.92
CA THR A 231 1.18 -8.44 -25.60
C THR A 231 1.14 -6.93 -25.71
N GLN A 232 1.76 -6.21 -24.78
CA GLN A 232 1.57 -4.75 -24.80
C GLN A 232 2.84 -3.94 -24.52
N LEU A 233 3.76 -4.45 -23.72
CA LEU A 233 4.87 -3.58 -23.23
C LEU A 233 6.02 -3.43 -24.21
N HIS A 234 6.53 -4.56 -24.72
CA HIS A 234 7.61 -4.52 -25.73
C HIS A 234 8.81 -3.69 -25.30
N PRO A 235 9.43 -3.93 -24.12
CA PRO A 235 10.59 -3.15 -23.70
C PRO A 235 11.77 -3.26 -24.67
N GLU A 236 11.91 -4.40 -25.34
CA GLU A 236 12.97 -4.66 -26.34
C GLU A 236 12.97 -3.60 -27.46
N ILE A 237 11.80 -3.13 -27.85
CA ILE A 237 11.74 -2.18 -28.98
C ILE A 237 12.42 -0.89 -28.57
N PHE A 238 12.13 -0.41 -27.36
CA PHE A 238 12.72 0.85 -26.86
C PHE A 238 14.23 0.66 -26.67
N GLU A 239 14.58 -0.49 -26.18
CA GLU A 239 16.00 -0.83 -25.92
C GLU A 239 16.80 -0.76 -27.21
N ALA A 240 16.27 -1.43 -28.19
CA ALA A 240 16.89 -1.47 -29.53
C ALA A 240 17.00 -0.05 -30.07
N ALA A 241 15.95 0.75 -29.91
CA ALA A 241 15.96 2.12 -30.47
C ALA A 241 16.94 2.99 -29.69
N ALA A 242 16.97 2.86 -28.38
CA ALA A 242 17.87 3.66 -27.54
C ALA A 242 19.32 3.29 -27.83
N LYS A 243 19.57 1.99 -28.02
CA LYS A 243 20.94 1.50 -28.28
C LYS A 243 21.42 2.13 -29.58
N ALA A 244 20.58 2.08 -30.59
CA ALA A 244 20.92 2.61 -31.92
C ALA A 244 21.11 4.13 -31.92
N ALA A 245 20.50 4.87 -30.98
CA ALA A 245 20.63 6.34 -30.92
C ALA A 245 21.70 6.80 -29.93
N GLY A 246 22.28 5.90 -29.14
CA GLY A 246 23.32 6.30 -28.18
C GLY A 246 22.74 6.84 -26.90
N GLN A 247 21.49 6.53 -26.60
CA GLN A 247 20.93 6.97 -25.31
C GLN A 247 21.15 5.86 -24.30
N ALA A 248 21.89 6.12 -23.24
CA ALA A 248 22.12 5.11 -22.21
C ALA A 248 20.79 4.75 -21.56
N VAL A 249 20.52 3.44 -21.48
CA VAL A 249 19.33 2.92 -20.82
C VAL A 249 19.75 1.76 -19.93
N THR A 250 19.33 1.78 -18.68
CA THR A 250 19.49 0.64 -17.79
C THR A 250 18.14 -0.05 -17.72
N LEU A 251 17.97 -1.09 -18.54
CA LEU A 251 16.76 -1.91 -18.55
C LEU A 251 17.06 -3.16 -17.73
N ARG A 252 16.44 -3.26 -16.56
CA ARG A 252 16.66 -4.37 -15.65
C ARG A 252 15.47 -5.31 -15.74
N ARG A 253 15.73 -6.57 -16.07
CA ARG A 253 14.69 -7.58 -16.17
C ARG A 253 14.77 -8.51 -14.97
N HIS A 254 13.64 -8.71 -14.29
CA HIS A 254 13.63 -9.42 -13.01
C HIS A 254 12.80 -10.69 -13.15
N GLU A 255 13.45 -11.84 -13.04
CA GLU A 255 12.72 -13.12 -13.17
C GLU A 255 11.64 -13.24 -12.11
N GLY A 256 10.49 -13.69 -12.51
CA GLY A 256 9.44 -14.03 -11.57
C GLY A 256 8.54 -12.89 -11.12
N TYR A 257 8.92 -11.64 -11.36
CA TYR A 257 8.11 -10.52 -10.89
C TYR A 257 7.00 -10.22 -11.87
N ASP A 258 5.85 -9.80 -11.33
CA ASP A 258 4.65 -9.55 -12.09
C ASP A 258 4.53 -8.06 -12.44
N HIS A 259 3.32 -7.64 -12.84
CA HIS A 259 3.06 -6.30 -13.36
C HIS A 259 2.74 -5.28 -12.28
N GLY A 260 2.31 -5.72 -11.10
CA GLY A 260 1.61 -4.88 -10.14
C GLY A 260 2.49 -4.27 -9.06
N TYR A 261 1.85 -3.88 -7.96
CA TYR A 261 2.54 -3.05 -6.99
C TYR A 261 3.40 -3.80 -5.99
N TYR A 262 3.28 -5.13 -5.87
CA TYR A 262 4.31 -5.85 -5.14
C TYR A 262 5.64 -5.76 -5.89
N PHE A 263 5.58 -5.84 -7.23
CA PHE A 263 6.79 -5.59 -8.03
C PHE A 263 7.25 -4.13 -7.90
N ILE A 264 6.34 -3.18 -8.07
CA ILE A 264 6.73 -1.77 -8.03
C ILE A 264 7.34 -1.42 -6.68
N SER A 265 6.67 -1.84 -5.60
CA SER A 265 7.17 -1.53 -4.25
C SER A 265 8.58 -2.03 -4.05
N THR A 266 8.92 -3.17 -4.65
CA THR A 266 10.25 -3.76 -4.46
C THR A 266 11.35 -2.83 -4.96
N PHE A 267 11.11 -2.16 -6.07
CA PHE A 267 12.15 -1.38 -6.70
C PHE A 267 12.00 0.12 -6.55
N ILE A 268 10.91 0.61 -5.96
CA ILE A 268 10.69 2.04 -5.96
C ILE A 268 11.74 2.76 -5.11
N GLY A 269 12.29 2.11 -4.09
CA GLY A 269 13.37 2.74 -3.33
C GLY A 269 14.60 3.00 -4.18
N GLU A 270 14.96 2.05 -5.02
CA GLU A 270 16.06 2.26 -5.95
C GLU A 270 15.75 3.35 -6.95
N HIS A 271 14.48 3.49 -7.36
CA HIS A 271 14.13 4.58 -8.26
C HIS A 271 14.28 5.93 -7.58
N VAL A 272 13.77 6.07 -6.35
CA VAL A 272 13.88 7.39 -5.71
C VAL A 272 15.35 7.72 -5.46
N ALA A 273 16.16 6.72 -5.13
CA ALA A 273 17.59 6.97 -4.97
C ALA A 273 18.21 7.38 -6.30
N PHE A 274 17.85 6.70 -7.38
CA PHE A 274 18.34 7.04 -8.71
C PHE A 274 18.03 8.49 -9.05
N HIS A 275 16.77 8.91 -8.88
CA HIS A 275 16.41 10.30 -9.18
C HIS A 275 17.14 11.28 -8.27
N ALA A 276 17.32 10.90 -6.99
CA ALA A 276 17.96 11.82 -6.04
C ALA A 276 19.39 12.14 -6.45
N ARG A 277 20.04 11.20 -7.13
CA ARG A 277 21.42 11.45 -7.64
C ARG A 277 21.44 12.73 -8.49
N THR A 278 20.43 12.96 -9.33
CA THR A 278 20.36 14.19 -10.11
C THR A 278 19.60 15.30 -9.41
N LEU A 279 18.45 14.99 -8.81
CA LEU A 279 17.55 16.04 -8.33
C LEU A 279 18.00 16.70 -7.04
N CYS A 280 18.83 16.01 -6.23
CA CYS A 280 19.27 16.55 -4.95
C CYS A 280 20.70 17.10 -4.99
N ALA A 281 21.22 17.25 -6.20
CA ALA A 281 22.57 17.78 -6.44
C ALA A 281 22.69 19.17 -5.79
N MET B 1 -8.27 -28.81 0.49
CA MET B 1 -7.07 -28.66 1.35
C MET B 1 -6.35 -27.34 1.05
N LEU B 2 -5.05 -27.29 1.27
CA LEU B 2 -4.27 -26.02 1.18
C LEU B 2 -4.06 -25.57 -0.26
N GLU B 3 -4.66 -24.47 -0.63
CA GLU B 3 -4.60 -24.00 -2.03
C GLU B 3 -3.89 -22.66 -2.13
N LEU B 4 -2.88 -22.57 -2.99
CA LEU B 4 -2.21 -21.30 -3.27
C LEU B 4 -3.08 -20.60 -4.32
N VAL B 5 -3.70 -19.49 -3.95
CA VAL B 5 -4.59 -18.80 -4.88
C VAL B 5 -3.99 -17.50 -5.39
N GLU B 6 -2.90 -17.04 -4.80
CA GLU B 6 -2.26 -15.79 -5.29
C GLU B 6 -0.78 -15.79 -4.89
N GLU B 7 0.09 -15.33 -5.77
CA GLU B 7 1.50 -15.28 -5.43
C GLU B 7 2.17 -14.17 -6.23
N HIS B 8 2.95 -13.34 -5.54
CA HIS B 8 3.66 -12.25 -6.20
C HIS B 8 5.03 -12.09 -5.57
N ARG B 9 6.07 -12.15 -6.37
CA ARG B 9 7.39 -11.87 -5.84
C ARG B 9 7.43 -10.43 -5.32
N CYS B 10 8.14 -10.25 -4.21
CA CYS B 10 8.10 -9.01 -3.45
C CYS B 10 9.32 -8.97 -2.57
N PHE B 11 10.16 -7.94 -2.75
CA PHE B 11 11.38 -7.74 -1.97
C PHE B 11 12.18 -9.03 -1.82
N SER B 12 12.38 -9.73 -2.94
CA SER B 12 13.17 -10.96 -3.06
C SER B 12 12.57 -12.13 -2.28
N GLY B 13 11.38 -11.95 -1.71
CA GLY B 13 10.57 -13.03 -1.19
C GLY B 13 9.30 -13.21 -1.99
N VAL B 14 8.32 -13.87 -1.37
CA VAL B 14 7.04 -14.09 -2.06
C VAL B 14 5.90 -13.66 -1.15
N GLN B 15 4.96 -12.90 -1.73
CA GLN B 15 3.71 -12.56 -1.09
C GLN B 15 2.65 -13.51 -1.63
N ARG B 16 2.10 -14.36 -0.76
CA ARG B 16 1.16 -15.39 -1.15
C ARG B 16 -0.17 -15.18 -0.44
N THR B 17 -1.24 -15.69 -1.06
CA THR B 17 -2.51 -15.90 -0.36
C THR B 17 -2.89 -17.37 -0.48
N TYR B 18 -3.26 -17.97 0.64
CA TYR B 18 -3.72 -19.35 0.67
C TYR B 18 -5.20 -19.42 1.03
N LYS B 19 -5.81 -20.51 0.60
CA LYS B 19 -7.18 -20.82 1.01
C LYS B 19 -7.12 -22.21 1.62
N HIS B 20 -7.78 -22.42 2.75
CA HIS B 20 -7.84 -23.76 3.32
C HIS B 20 -9.20 -24.00 3.94
N ASP B 21 -9.54 -25.27 4.12
CA ASP B 21 -10.80 -25.65 4.75
C ASP B 21 -10.60 -25.66 6.26
N SER B 22 -11.14 -24.66 6.94
CA SER B 22 -10.91 -24.52 8.38
C SER B 22 -11.86 -25.43 9.13
N GLN B 23 -11.30 -26.30 9.96
CA GLN B 23 -12.14 -27.19 10.78
C GLN B 23 -12.68 -26.39 11.96
N THR B 24 -11.94 -25.40 12.43
CA THR B 24 -12.39 -24.59 13.56
C THR B 24 -13.50 -23.62 13.14
N ILE B 25 -13.34 -22.97 11.99
CA ILE B 25 -14.42 -22.12 11.48
C ILE B 25 -15.52 -22.96 10.82
N GLY B 26 -15.19 -24.12 10.27
CA GLY B 26 -16.17 -24.92 9.53
C GLY B 26 -16.42 -24.47 8.11
N LEU B 27 -15.54 -23.63 7.57
CA LEU B 27 -15.72 -22.98 6.29
C LEU B 27 -14.34 -22.72 5.69
N PRO B 28 -14.25 -22.45 4.39
CA PRO B 28 -12.97 -22.05 3.82
C PRO B 28 -12.53 -20.71 4.36
N MET B 29 -11.24 -20.58 4.62
CA MET B 29 -10.67 -19.31 5.06
C MET B 29 -9.47 -18.95 4.19
N ARG B 30 -9.25 -17.65 4.01
CA ARG B 30 -8.09 -17.15 3.27
C ARG B 30 -7.13 -16.48 4.25
N PHE B 31 -5.82 -16.67 4.03
CA PHE B 31 -4.82 -15.96 4.83
C PHE B 31 -3.63 -15.61 3.95
N SER B 32 -2.95 -14.50 4.29
CA SER B 32 -1.80 -14.09 3.50
C SER B 32 -0.51 -14.54 4.19
N VAL B 33 0.52 -14.76 3.37
CA VAL B 33 1.83 -15.18 3.87
C VAL B 33 2.88 -14.41 3.10
N PHE B 34 3.73 -13.66 3.79
CA PHE B 34 4.97 -13.20 3.18
C PHE B 34 6.11 -14.07 3.65
N LEU B 35 6.85 -14.70 2.70
CA LEU B 35 8.08 -15.39 3.09
C LEU B 35 9.28 -14.56 2.66
N PRO B 36 10.21 -14.26 3.54
CA PRO B 36 11.38 -13.51 3.15
C PRO B 36 12.37 -14.40 2.41
N PRO B 37 13.35 -13.82 1.72
CA PRO B 37 14.36 -14.63 1.01
C PRO B 37 15.05 -15.65 1.91
N GLN B 38 15.20 -15.36 3.20
CA GLN B 38 15.90 -16.28 4.10
C GLN B 38 15.15 -17.59 4.31
N ALA B 39 13.83 -17.60 4.13
CA ALA B 39 13.05 -18.82 4.34
C ALA B 39 13.46 -19.93 3.37
N ALA B 40 14.12 -19.58 2.26
CA ALA B 40 14.64 -20.59 1.36
C ALA B 40 15.78 -21.38 1.99
N HIS B 41 16.41 -20.86 3.03
CA HIS B 41 17.58 -21.52 3.59
C HIS B 41 17.34 -22.12 4.97
N GLY B 42 16.12 -22.03 5.47
CA GLY B 42 15.76 -22.64 6.73
C GLY B 42 14.50 -21.98 7.26
N LYS B 43 14.03 -22.48 8.39
CA LYS B 43 12.83 -21.92 9.00
C LYS B 43 13.13 -20.58 9.65
N VAL B 44 12.13 -19.70 9.61
CA VAL B 44 12.31 -18.32 10.04
C VAL B 44 11.27 -18.01 11.11
N PRO B 45 11.52 -16.99 11.94
CA PRO B 45 10.46 -16.49 12.82
C PRO B 45 9.29 -15.94 12.00
N ALA B 46 8.14 -15.77 12.65
CA ALA B 46 7.00 -15.19 11.97
C ALA B 46 6.24 -14.27 12.90
N LEU B 47 5.64 -13.26 12.30
CA LEU B 47 4.69 -12.36 12.96
C LEU B 47 3.32 -12.57 12.36
N PHE B 48 2.31 -12.65 13.21
CA PHE B 48 0.92 -12.62 12.81
C PHE B 48 0.44 -11.19 12.94
N TYR B 49 -0.12 -10.64 11.87
CA TYR B 49 -0.70 -9.29 11.88
C TYR B 49 -2.21 -9.42 11.78
N LEU B 50 -2.91 -8.85 12.76
CA LEU B 50 -4.38 -8.89 12.79
C LEU B 50 -4.94 -7.56 12.34
N ALA B 51 -5.82 -7.59 11.35
CA ALA B 51 -6.35 -6.36 10.82
C ALA B 51 -7.60 -5.94 11.58
N GLY B 52 -8.07 -4.73 11.29
CA GLY B 52 -9.18 -4.13 12.00
C GLY B 52 -10.51 -4.32 11.29
N LEU B 53 -11.54 -3.66 11.82
CA LEU B 53 -12.89 -3.81 11.28
C LEU B 53 -12.94 -3.54 9.78
N THR B 54 -13.72 -4.38 9.08
CA THR B 54 -14.05 -4.33 7.66
C THR B 54 -12.91 -4.82 6.77
N CYS B 55 -11.74 -5.08 7.35
CA CYS B 55 -10.57 -5.42 6.57
C CYS B 55 -10.62 -6.89 6.14
N THR B 56 -9.66 -7.27 5.30
CA THR B 56 -9.49 -8.66 4.85
C THR B 56 -8.06 -9.11 5.15
N GLU B 57 -7.77 -10.34 4.73
CA GLU B 57 -6.44 -10.90 4.88
C GLU B 57 -5.40 -10.22 4.00
N GLU B 58 -5.84 -9.37 3.07
CA GLU B 58 -4.88 -8.73 2.14
C GLU B 58 -4.64 -7.25 2.50
N THR B 59 -5.42 -6.65 3.41
CA THR B 59 -5.28 -5.23 3.71
C THR B 59 -3.85 -4.89 4.10
N PHE B 60 -3.30 -5.61 5.07
CA PHE B 60 -1.94 -5.39 5.56
C PHE B 60 -0.91 -5.52 4.44
N ALA B 61 -1.03 -6.60 3.66
CA ALA B 61 -0.09 -6.88 2.58
C ALA B 61 -0.05 -5.73 1.57
N ILE B 62 -1.20 -5.12 1.29
CA ILE B 62 -1.23 -4.07 0.28
C ILE B 62 -0.78 -2.74 0.85
N LYS B 63 -1.19 -2.43 2.09
CA LYS B 63 -1.15 -1.04 2.57
C LYS B 63 -0.06 -0.71 3.57
N ALA B 64 0.56 -1.70 4.21
CA ALA B 64 1.45 -1.37 5.32
C ALA B 64 2.91 -1.26 4.93
N GLY B 65 3.29 -1.74 3.75
CA GLY B 65 4.71 -1.74 3.39
C GLY B 65 5.60 -2.49 4.34
N ALA B 66 5.12 -3.61 4.90
CA ALA B 66 5.91 -4.34 5.88
C ALA B 66 6.90 -5.31 5.26
N GLN B 67 6.68 -5.73 4.01
CA GLN B 67 7.53 -6.78 3.43
C GLN B 67 9.00 -6.38 3.36
N ARG B 68 9.31 -5.13 3.04
CA ARG B 68 10.73 -4.74 3.00
C ARG B 68 11.41 -5.01 4.32
N PHE B 69 10.73 -4.74 5.42
CA PHE B 69 11.36 -4.90 6.72
C PHE B 69 11.41 -6.37 7.11
N ALA B 70 10.38 -7.14 6.72
CA ALA B 70 10.42 -8.58 6.92
C ALA B 70 11.56 -9.21 6.15
N SER B 71 11.81 -8.75 4.92
CA SER B 71 12.95 -9.22 4.15
C SER B 71 14.27 -8.84 4.80
N GLU B 72 14.36 -7.60 5.27
CA GLU B 72 15.62 -7.14 5.92
C GLU B 72 15.93 -7.97 7.16
N HIS B 73 14.93 -8.33 7.96
CA HIS B 73 15.20 -9.04 9.21
C HIS B 73 15.01 -10.56 9.12
N GLY B 74 14.51 -11.07 8.01
CA GLY B 74 14.28 -12.49 7.85
C GLY B 74 13.13 -13.02 8.68
N ILE B 75 11.98 -12.35 8.61
CA ILE B 75 10.78 -12.74 9.35
C ILE B 75 9.64 -12.94 8.36
N ALA B 76 8.88 -14.00 8.55
CA ALA B 76 7.67 -14.18 7.76
C ALA B 76 6.51 -13.40 8.37
N LEU B 77 5.55 -13.03 7.53
CA LEU B 77 4.38 -12.26 7.95
C LEU B 77 3.13 -13.07 7.62
N ILE B 78 2.29 -13.34 8.62
CA ILE B 78 1.06 -14.08 8.41
C ILE B 78 -0.11 -13.15 8.67
N GLY B 79 -1.02 -13.07 7.71
CA GLY B 79 -2.20 -12.22 7.85
C GLY B 79 -3.51 -12.99 7.77
N PRO B 80 -4.12 -13.27 8.92
CA PRO B 80 -5.45 -13.91 8.91
C PRO B 80 -6.52 -12.94 8.40
N ASP B 81 -7.66 -13.52 8.05
CA ASP B 81 -8.85 -12.72 7.77
C ASP B 81 -9.42 -12.21 9.09
N THR B 82 -10.46 -11.38 9.00
CA THR B 82 -11.03 -10.71 10.16
C THR B 82 -12.27 -11.40 10.70
N SER B 83 -12.80 -12.38 10.00
CA SER B 83 -14.04 -13.04 10.39
C SER B 83 -14.20 -14.28 9.52
N PRO B 84 -15.13 -15.17 9.85
CA PRO B 84 -15.61 -16.13 8.85
C PRO B 84 -16.24 -15.40 7.68
N ARG B 85 -16.24 -16.08 6.53
CA ARG B 85 -16.85 -15.57 5.32
C ARG B 85 -17.88 -16.55 4.80
N GLY B 86 -19.05 -16.02 4.43
CA GLY B 86 -20.12 -16.84 3.89
C GLY B 86 -20.64 -17.89 4.84
N ALA B 87 -20.75 -17.55 6.13
CA ALA B 87 -21.28 -18.50 7.10
C ALA B 87 -22.78 -18.67 6.99
N GLY B 88 -23.47 -17.74 6.33
CA GLY B 88 -24.92 -17.88 6.19
C GLY B 88 -25.70 -17.66 7.46
N VAL B 89 -25.09 -17.05 8.48
CA VAL B 89 -25.83 -16.67 9.68
C VAL B 89 -26.76 -15.51 9.34
N PRO B 90 -28.03 -15.52 9.77
CA PRO B 90 -28.95 -14.45 9.38
C PRO B 90 -28.42 -13.08 9.79
N ASN B 91 -28.41 -12.15 8.83
CA ASN B 91 -28.02 -10.76 9.07
C ASN B 91 -26.58 -10.65 9.59
N GLU B 92 -25.73 -11.63 9.31
CA GLU B 92 -24.35 -11.47 9.74
C GLU B 92 -23.65 -10.32 9.06
N GLY B 93 -24.21 -9.80 7.97
CA GLY B 93 -23.62 -8.67 7.27
C GLY B 93 -24.48 -7.41 7.35
N ALA B 94 -25.37 -7.34 8.33
CA ALA B 94 -26.26 -6.17 8.41
C ALA B 94 -25.52 -4.93 8.93
N ALA B 95 -24.45 -5.14 9.69
CA ALA B 95 -23.70 -3.99 10.22
C ALA B 95 -22.20 -4.19 9.95
N TRP B 96 -21.42 -3.13 9.82
CA TRP B 96 -19.97 -3.28 9.56
C TRP B 96 -19.15 -3.45 10.84
N ASP B 97 -19.79 -3.26 11.99
CA ASP B 97 -19.12 -3.27 13.30
C ASP B 97 -19.43 -4.56 14.05
N PHE B 98 -20.07 -5.50 13.37
CA PHE B 98 -20.36 -6.80 13.99
C PHE B 98 -20.52 -7.87 12.91
N GLY B 99 -20.14 -9.10 13.19
CA GLY B 99 -20.35 -10.12 12.16
C GLY B 99 -19.25 -10.13 11.12
N VAL B 100 -19.65 -10.09 9.85
CA VAL B 100 -18.71 -10.21 8.75
C VAL B 100 -17.71 -9.07 8.80
N GLY B 101 -16.43 -9.42 8.71
CA GLY B 101 -15.34 -8.47 8.85
C GLY B 101 -15.17 -7.93 10.25
N ALA B 102 -15.76 -8.57 11.25
CA ALA B 102 -15.86 -7.98 12.59
C ALA B 102 -15.91 -9.08 13.66
N GLY B 103 -15.02 -10.06 13.55
CA GLY B 103 -15.06 -11.20 14.47
C GLY B 103 -14.50 -10.92 15.85
N PHE B 104 -13.75 -9.83 16.00
CA PHE B 104 -13.15 -9.37 17.25
C PHE B 104 -12.22 -10.39 17.89
N TYR B 105 -11.79 -11.39 17.14
CA TYR B 105 -10.80 -12.36 17.61
C TYR B 105 -11.23 -13.03 18.91
N VAL B 106 -12.54 -13.25 19.07
CA VAL B 106 -13.07 -14.02 20.20
C VAL B 106 -13.60 -15.36 19.69
N ASP B 107 -13.81 -16.28 20.63
CA ASP B 107 -14.60 -17.49 20.41
C ASP B 107 -16.00 -17.20 20.90
N ALA B 108 -16.94 -17.03 19.97
CA ALA B 108 -18.32 -16.77 20.37
C ALA B 108 -18.89 -17.98 21.10
N THR B 109 -19.73 -17.70 22.11
CA THR B 109 -20.44 -18.71 22.87
C THR B 109 -21.94 -18.66 22.66
N GLN B 110 -22.41 -17.56 22.11
CA GLN B 110 -23.86 -17.39 21.92
C GLN B 110 -24.27 -17.84 20.51
N GLU B 111 -25.37 -18.57 20.42
CA GLU B 111 -25.90 -18.94 19.09
C GLU B 111 -26.57 -17.67 18.53
N PRO B 112 -26.52 -17.39 17.22
CA PRO B 112 -26.07 -18.33 16.21
C PRO B 112 -24.60 -18.16 15.80
N TRP B 113 -23.85 -17.38 16.59
CA TRP B 113 -22.44 -17.02 16.31
C TRP B 113 -21.46 -18.11 16.76
N ALA B 114 -21.86 -18.98 17.66
CA ALA B 114 -20.90 -19.94 18.20
C ALA B 114 -20.49 -21.02 17.21
N ARG B 115 -21.31 -21.26 16.21
CA ARG B 115 -20.99 -22.35 15.26
C ARG B 115 -19.71 -22.04 14.46
N ASN B 116 -19.56 -20.81 14.00
CA ASN B 116 -18.49 -20.43 13.09
C ASN B 116 -17.57 -19.32 13.59
N TYR B 117 -18.02 -18.47 14.51
CA TYR B 117 -17.23 -17.30 14.92
C TYR B 117 -16.30 -17.70 16.05
N ARG B 118 -15.27 -18.45 15.68
CA ARG B 118 -14.26 -19.01 16.61
C ARG B 118 -12.88 -18.48 16.20
N MET B 119 -12.78 -17.16 16.03
CA MET B 119 -11.54 -16.58 15.54
C MET B 119 -10.41 -16.67 16.56
N TYR B 120 -10.72 -16.74 17.86
CA TYR B 120 -9.67 -16.89 18.86
C TYR B 120 -8.96 -18.23 18.69
N SER B 121 -9.74 -19.32 18.64
CA SER B 121 -9.15 -20.63 18.45
C SER B 121 -8.53 -20.76 17.07
N TYR B 122 -9.16 -20.16 16.07
CA TYR B 122 -8.64 -20.25 14.70
C TYR B 122 -7.25 -19.63 14.59
N VAL B 123 -7.07 -18.43 15.12
CA VAL B 123 -5.77 -17.77 14.97
C VAL B 123 -4.72 -18.43 15.87
N THR B 124 -5.06 -18.71 17.13
CA THR B 124 -4.05 -19.21 18.07
C THR B 124 -3.74 -20.69 17.89
N GLN B 125 -4.64 -21.48 17.30
CA GLN B 125 -4.41 -22.91 17.17
C GLN B 125 -4.38 -23.37 15.73
N GLU B 126 -5.54 -23.50 15.07
CA GLU B 126 -5.58 -24.14 13.75
C GLU B 126 -4.70 -23.42 12.73
N LEU B 127 -4.85 -22.09 12.61
CA LEU B 127 -4.02 -21.37 11.62
C LEU B 127 -2.55 -21.50 11.95
N ARG B 128 -2.19 -21.43 13.23
CA ARG B 128 -0.80 -21.53 13.64
C ARG B 128 -0.24 -22.90 13.29
N THR B 129 -0.96 -23.98 13.63
CA THR B 129 -0.43 -25.30 13.33
C THR B 129 -0.38 -25.57 11.83
N THR B 130 -1.31 -24.99 11.06
CA THR B 130 -1.25 -25.13 9.62
C THR B 130 0.00 -24.45 9.05
N VAL B 131 0.26 -23.23 9.50
CA VAL B 131 1.47 -22.52 9.08
C VAL B 131 2.70 -23.33 9.44
N LEU B 132 2.74 -23.86 10.67
CA LEU B 132 3.93 -24.57 11.12
C LEU B 132 4.12 -25.87 10.34
N ALA B 133 3.02 -26.51 9.94
CA ALA B 133 3.15 -27.80 9.25
C ALA B 133 3.52 -27.62 7.79
N GLU B 134 3.12 -26.51 7.17
CA GLU B 134 3.18 -26.39 5.72
C GLU B 134 4.14 -25.33 5.21
N LEU B 135 4.68 -24.48 6.08
CA LEU B 135 5.53 -23.37 5.72
C LEU B 135 6.79 -23.39 6.57
N PRO B 136 7.89 -22.79 6.08
CA PRO B 136 9.18 -22.82 6.81
C PRO B 136 9.25 -21.79 7.93
N VAL B 137 8.49 -22.06 8.99
CA VAL B 137 8.32 -21.13 10.10
C VAL B 137 8.68 -21.81 11.40
N ARG B 138 9.43 -21.11 12.25
CA ARG B 138 9.89 -21.63 13.57
C ARG B 138 8.76 -21.59 14.59
N GLU B 139 8.44 -22.74 15.15
CA GLU B 139 7.33 -22.79 16.15
C GLU B 139 7.67 -21.98 17.40
N ASP B 140 8.94 -21.83 17.69
CA ASP B 140 9.33 -21.24 18.98
C ASP B 140 9.68 -19.76 18.85
N ARG B 141 9.48 -19.16 17.67
CA ARG B 141 9.82 -17.74 17.48
C ARG B 141 8.67 -17.05 16.74
N LEU B 142 7.53 -16.97 17.42
CA LEU B 142 6.35 -16.32 16.88
C LEU B 142 6.02 -15.06 17.68
N GLY B 143 5.60 -14.02 16.97
CA GLY B 143 5.11 -12.80 17.58
C GLY B 143 3.78 -12.41 16.97
N ILE B 144 3.18 -11.37 17.54
CA ILE B 144 1.86 -10.96 17.05
C ILE B 144 1.75 -9.45 17.14
N PHE B 145 1.11 -8.86 16.14
CA PHE B 145 0.80 -7.41 16.15
C PHE B 145 -0.52 -7.18 15.39
N GLY B 146 -1.00 -5.96 15.43
CA GLY B 146 -2.27 -5.72 14.76
C GLY B 146 -2.73 -4.29 14.94
N HIS B 147 -3.84 -3.97 14.29
CA HIS B 147 -4.37 -2.62 14.23
C HIS B 147 -5.82 -2.57 14.72
N SER B 148 -6.11 -1.69 15.69
CA SER B 148 -7.48 -1.41 16.19
C SER B 148 -8.21 -2.62 16.78
N MET B 149 -9.25 -3.15 16.10
CA MET B 149 -9.78 -4.47 16.49
C MET B 149 -8.66 -5.51 16.47
N GLY B 150 -7.75 -5.40 15.51
CA GLY B 150 -6.60 -6.27 15.45
C GLY B 150 -5.54 -5.98 16.50
N GLY B 151 -5.50 -4.75 17.02
CA GLY B 151 -4.55 -4.42 18.08
C GLY B 151 -5.07 -4.91 19.41
N HIS B 152 -6.39 -4.79 19.57
CA HIS B 152 -7.10 -5.52 20.62
C HIS B 152 -6.78 -7.01 20.51
N GLY B 153 -6.93 -7.56 19.30
CA GLY B 153 -6.63 -8.96 19.08
C GLY B 153 -5.21 -9.34 19.45
N ALA B 154 -4.23 -8.52 19.04
CA ALA B 154 -2.84 -8.85 19.32
C ALA B 154 -2.56 -8.82 20.82
N LEU B 155 -3.06 -7.80 21.52
CA LEU B 155 -2.79 -7.73 22.96
C LEU B 155 -3.45 -8.89 23.70
N VAL B 156 -4.72 -9.18 23.37
CA VAL B 156 -5.45 -10.23 24.07
C VAL B 156 -4.79 -11.59 23.81
N LEU B 157 -4.48 -11.90 22.56
CA LEU B 157 -3.94 -13.20 22.25
C LEU B 157 -2.56 -13.39 22.86
N ALA B 158 -1.74 -12.34 22.87
CA ALA B 158 -0.42 -12.44 23.49
C ALA B 158 -0.52 -12.65 25.00
N LEU B 159 -1.33 -11.84 25.69
CA LEU B 159 -1.43 -11.95 27.14
C LEU B 159 -2.04 -13.28 27.57
N ARG B 160 -2.85 -13.90 26.71
CA ARG B 160 -3.43 -15.19 27.06
C ARG B 160 -2.57 -16.37 26.66
N ASN B 161 -1.59 -16.18 25.77
CA ASN B 161 -0.79 -17.28 25.23
C ASN B 161 0.70 -16.97 25.29
N PRO B 162 1.27 -16.89 26.48
CA PRO B 162 2.73 -16.67 26.59
C PRO B 162 3.55 -17.84 26.05
N ASP B 163 2.98 -19.05 25.98
CA ASP B 163 3.71 -20.18 25.40
C ASP B 163 3.87 -20.05 23.90
N ILE B 164 3.06 -19.21 23.26
CA ILE B 164 3.02 -19.11 21.81
C ILE B 164 3.66 -17.82 21.32
N TYR B 165 3.24 -16.68 21.84
CA TYR B 165 3.69 -15.39 21.33
C TYR B 165 4.82 -14.87 22.21
N LYS B 166 5.98 -14.69 21.61
CA LYS B 166 7.20 -14.23 22.32
C LYS B 166 7.36 -12.71 22.29
N SER B 167 6.61 -12.04 21.45
CA SER B 167 6.66 -10.59 21.36
C SER B 167 5.29 -10.12 20.91
N VAL B 168 4.92 -8.90 21.31
CA VAL B 168 3.63 -8.34 20.93
C VAL B 168 3.75 -6.83 20.80
N SER B 169 3.11 -6.29 19.77
CA SER B 169 2.97 -4.85 19.62
C SER B 169 1.59 -4.54 19.02
N ALA B 170 1.24 -3.25 18.95
CA ALA B 170 -0.08 -2.87 18.46
C ALA B 170 -0.06 -1.44 17.90
N PHE B 171 -0.90 -1.21 16.88
CA PHE B 171 -1.20 0.13 16.36
C PHE B 171 -2.63 0.50 16.72
N ALA B 172 -2.78 1.58 17.49
CA ALA B 172 -4.08 2.12 17.85
C ALA B 172 -5.09 1.03 18.28
N PRO B 173 -4.72 0.22 19.29
CA PRO B 173 -5.60 -0.88 19.69
C PRO B 173 -6.88 -0.39 20.35
N ILE B 174 -7.93 -1.21 20.24
CA ILE B 174 -9.08 -1.09 21.13
C ILE B 174 -8.59 -1.65 22.47
N ALA B 175 -8.17 -0.76 23.36
CA ALA B 175 -7.41 -1.17 24.53
C ALA B 175 -8.30 -1.64 25.66
N ALA B 176 -9.54 -1.14 25.73
CA ALA B 176 -10.46 -1.48 26.82
C ALA B 176 -11.84 -1.74 26.24
N PRO B 177 -12.01 -2.86 25.50
CA PRO B 177 -13.26 -3.08 24.79
C PRO B 177 -14.49 -3.13 25.69
N SER B 178 -14.33 -3.48 26.96
CA SER B 178 -15.47 -3.49 27.88
C SER B 178 -16.06 -2.12 28.10
N HIS B 179 -15.34 -1.07 27.71
CA HIS B 179 -15.72 0.30 28.01
C HIS B 179 -15.74 1.15 26.74
N CYS B 180 -16.01 0.55 25.59
CA CYS B 180 -16.32 1.38 24.45
C CYS B 180 -17.42 0.68 23.61
N PRO B 181 -18.11 1.45 22.79
CA PRO B 181 -19.28 0.88 22.08
C PRO B 181 -18.93 -0.27 21.16
N TRP B 182 -17.81 -0.20 20.43
CA TRP B 182 -17.47 -1.30 19.54
C TRP B 182 -17.32 -2.59 20.31
N GLY B 183 -16.55 -2.55 21.41
CA GLY B 183 -16.34 -3.76 22.18
C GLY B 183 -17.58 -4.24 22.91
N GLU B 184 -18.36 -3.32 23.50
CA GLU B 184 -19.54 -3.75 24.24
C GLU B 184 -20.59 -4.38 23.30
N LYS B 185 -20.72 -3.85 22.09
CA LYS B 185 -21.62 -4.50 21.14
C LYS B 185 -21.10 -5.87 20.73
N ALA B 186 -19.81 -5.98 20.43
CA ALA B 186 -19.26 -7.27 20.02
C ALA B 186 -19.38 -8.29 21.15
N PHE B 187 -19.02 -7.89 22.36
CA PHE B 187 -19.06 -8.82 23.48
C PHE B 187 -20.48 -9.23 23.81
N SER B 188 -21.42 -8.28 23.79
CA SER B 188 -22.81 -8.62 24.07
C SER B 188 -23.33 -9.66 23.09
N GLY B 189 -23.02 -9.50 21.81
CA GLY B 189 -23.52 -10.41 20.80
C GLY B 189 -22.84 -11.77 20.78
N TYR B 190 -21.49 -11.74 20.82
CA TYR B 190 -20.76 -13.00 20.74
C TYR B 190 -20.72 -13.73 22.08
N LEU B 191 -20.69 -13.00 23.20
CA LEU B 191 -20.42 -13.62 24.49
C LEU B 191 -21.58 -13.56 25.47
N GLY B 192 -22.58 -12.72 25.25
CA GLY B 192 -23.66 -12.55 26.21
C GLY B 192 -23.45 -11.33 27.09
N ASP B 193 -24.41 -11.11 28.00
CA ASP B 193 -24.45 -9.85 28.75
C ASP B 193 -23.81 -9.96 30.14
N ASP B 194 -23.08 -11.03 30.42
CA ASP B 194 -22.36 -11.19 31.68
C ASP B 194 -20.96 -10.62 31.50
N ARG B 195 -20.76 -9.37 31.95
CA ARG B 195 -19.49 -8.66 31.76
C ARG B 195 -18.30 -9.44 32.28
N GLU B 196 -18.52 -10.33 33.25
CA GLU B 196 -17.39 -11.08 33.81
C GLU B 196 -16.76 -11.99 32.77
N THR B 197 -17.59 -12.50 31.86
CA THR B 197 -17.10 -13.31 30.75
C THR B 197 -16.28 -12.49 29.75
N TRP B 198 -16.41 -11.17 29.76
CA TRP B 198 -15.69 -10.36 28.80
C TRP B 198 -14.24 -10.10 29.19
N LYS B 199 -13.92 -10.18 30.49
CA LYS B 199 -12.58 -9.79 30.95
C LYS B 199 -11.49 -10.60 30.29
N GLN B 200 -11.81 -11.84 29.92
CA GLN B 200 -10.83 -12.75 29.28
C GLN B 200 -10.51 -12.28 27.85
N TYR B 201 -11.22 -11.28 27.35
CA TYR B 201 -10.98 -10.78 26.00
C TYR B 201 -10.71 -9.28 25.99
N ASP B 202 -10.30 -8.73 27.14
CA ASP B 202 -10.13 -7.29 27.32
C ASP B 202 -8.68 -7.06 27.74
N ALA B 203 -7.91 -6.38 26.90
CA ALA B 203 -6.48 -6.20 27.18
C ALA B 203 -6.26 -5.50 28.52
N SER B 204 -7.10 -4.51 28.83
CA SER B 204 -6.90 -3.74 30.05
C SER B 204 -7.19 -4.57 31.29
N GLU B 205 -8.12 -5.52 31.19
CA GLU B 205 -8.35 -6.45 32.29
C GLU B 205 -7.26 -7.51 32.34
N LEU B 206 -6.87 -8.04 31.18
CA LEU B 206 -5.87 -9.11 31.16
C LEU B 206 -4.54 -8.64 31.72
N VAL B 207 -4.16 -7.39 31.44
CA VAL B 207 -2.85 -6.94 31.88
C VAL B 207 -2.78 -6.85 33.40
N LYS B 208 -3.93 -6.69 34.07
CA LYS B 208 -3.93 -6.59 35.54
C LYS B 208 -3.53 -7.89 36.20
N SER B 209 -3.69 -9.03 35.53
CA SER B 209 -3.34 -10.32 36.11
C SER B 209 -2.28 -11.07 35.34
N ALA B 210 -1.79 -10.53 34.22
CA ALA B 210 -0.92 -11.30 33.35
C ALA B 210 0.45 -11.51 33.97
N LYS B 211 1.01 -12.68 33.73
CA LYS B 211 2.41 -13.00 34.03
C LYS B 211 3.15 -13.08 32.70
N THR B 212 4.02 -12.12 32.43
CA THR B 212 4.62 -11.94 31.12
C THR B 212 6.11 -12.19 31.15
N LYS B 213 6.66 -12.61 30.02
CA LYS B 213 8.10 -12.79 29.85
C LYS B 213 8.59 -12.07 28.60
N PHE B 214 8.29 -10.78 28.50
CA PHE B 214 8.69 -9.97 27.35
C PHE B 214 9.93 -9.18 27.76
N ASP B 215 11.04 -9.42 27.03
CA ASP B 215 12.36 -8.75 27.26
C ASP B 215 12.25 -7.24 27.13
N ALA B 216 11.53 -6.78 26.13
CA ALA B 216 11.43 -5.33 25.88
C ALA B 216 10.00 -4.84 26.09
N GLY B 217 9.21 -5.59 26.85
CA GLY B 217 7.84 -5.13 27.12
C GLY B 217 6.93 -5.14 25.90
N ILE B 218 5.92 -4.29 25.96
CA ILE B 218 4.84 -4.23 24.97
C ILE B 218 4.91 -2.87 24.30
N LEU B 219 4.97 -2.87 22.96
CA LEU B 219 5.04 -1.63 22.19
C LEU B 219 3.67 -1.26 21.63
N ILE B 220 3.23 -0.03 21.87
CA ILE B 220 1.99 0.48 21.29
C ILE B 220 2.26 1.86 20.70
N ASP B 221 1.88 2.04 19.44
CA ASP B 221 1.88 3.36 18.82
C ASP B 221 0.45 3.85 18.66
N GLN B 222 0.24 5.13 18.95
CA GLN B 222 -1.07 5.75 18.88
C GLN B 222 -0.94 7.13 18.26
N GLY B 223 -1.74 7.39 17.22
CA GLY B 223 -1.79 8.73 16.65
C GLY B 223 -2.74 9.63 17.42
N LEU B 224 -2.30 10.87 17.66
CA LEU B 224 -3.11 11.75 18.51
C LEU B 224 -4.25 12.41 17.76
N ALA B 225 -4.21 12.43 16.43
CA ALA B 225 -5.32 12.92 15.62
C ALA B 225 -6.32 11.82 15.28
N ASP B 226 -6.12 10.62 15.78
CA ASP B 226 -7.01 9.48 15.53
C ASP B 226 -8.44 9.84 15.93
N ASN B 227 -9.37 9.73 14.97
CA ASN B 227 -10.77 10.06 15.24
C ASN B 227 -11.39 9.17 16.30
N PHE B 228 -10.79 8.01 16.58
CA PHE B 228 -11.38 7.05 17.51
C PHE B 228 -10.68 7.05 18.86
N LEU B 229 -9.73 7.96 19.08
CA LEU B 229 -8.91 7.93 20.29
C LEU B 229 -9.76 8.01 21.56
N ALA B 230 -10.71 8.92 21.60
CA ALA B 230 -11.53 9.08 22.80
C ALA B 230 -12.82 8.28 22.76
N THR B 231 -13.34 7.96 21.57
CA THR B 231 -14.61 7.27 21.50
C THR B 231 -14.46 5.75 21.58
N GLN B 232 -13.35 5.17 21.12
CA GLN B 232 -13.25 3.72 21.07
C GLN B 232 -11.97 3.13 21.66
N LEU B 233 -10.84 3.84 21.55
CA LEU B 233 -9.55 3.18 21.73
C LEU B 233 -9.07 3.18 23.17
N HIS B 234 -9.19 4.30 23.87
CA HIS B 234 -8.89 4.40 25.28
C HIS B 234 -7.53 3.82 25.71
N PRO B 235 -6.44 4.20 25.04
CA PRO B 235 -5.14 3.65 25.44
C PRO B 235 -4.78 3.97 26.88
N GLU B 236 -5.29 5.09 27.40
CA GLU B 236 -4.96 5.48 28.77
C GLU B 236 -5.45 4.45 29.79
N ILE B 237 -6.53 3.73 29.47
CA ILE B 237 -7.01 2.75 30.43
C ILE B 237 -6.03 1.59 30.53
N PHE B 238 -5.52 1.12 29.39
CA PHE B 238 -4.53 0.06 29.38
C PHE B 238 -3.22 0.52 30.03
N GLU B 239 -2.81 1.75 29.72
CA GLU B 239 -1.59 2.31 30.29
C GLU B 239 -1.67 2.37 31.81
N ALA B 240 -2.81 2.81 32.35
CA ALA B 240 -2.97 2.89 33.80
C ALA B 240 -2.99 1.51 34.44
N ALA B 241 -3.70 0.56 33.84
CA ALA B 241 -3.76 -0.79 34.40
C ALA B 241 -2.39 -1.47 34.33
N ALA B 242 -1.64 -1.25 33.25
CA ALA B 242 -0.33 -1.89 33.16
C ALA B 242 0.64 -1.29 34.16
N LYS B 243 0.51 0.03 34.41
CA LYS B 243 1.37 0.67 35.40
C LYS B 243 1.09 0.14 36.79
N ALA B 244 -0.20 -0.02 37.14
CA ALA B 244 -0.54 -0.56 38.46
C ALA B 244 -0.07 -1.99 38.63
N ALA B 245 -0.05 -2.77 37.55
CA ALA B 245 0.38 -4.15 37.61
C ALA B 245 1.89 -4.32 37.48
N GLY B 246 2.64 -3.24 37.23
CA GLY B 246 4.06 -3.37 37.01
C GLY B 246 4.46 -3.92 35.66
N GLN B 247 3.55 -3.92 34.68
CA GLN B 247 3.89 -4.45 33.33
C GLN B 247 4.49 -3.36 32.47
N ALA B 248 5.66 -3.62 31.92
CA ALA B 248 6.36 -2.65 31.08
C ALA B 248 5.60 -2.45 29.77
N VAL B 249 5.27 -1.21 29.45
CA VAL B 249 4.57 -0.86 28.21
C VAL B 249 5.19 0.40 27.66
N THR B 250 5.64 0.37 26.41
CA THR B 250 6.11 1.57 25.70
C THR B 250 4.96 2.06 24.84
N LEU B 251 4.19 3.00 25.38
CA LEU B 251 3.06 3.61 24.69
C LEU B 251 3.54 4.92 24.12
N ARG B 252 3.67 4.99 22.80
CA ARG B 252 4.18 6.17 22.11
C ARG B 252 3.03 6.89 21.46
N ARG B 253 2.90 8.17 21.79
CA ARG B 253 1.80 9.02 21.27
C ARG B 253 2.41 9.97 20.24
N HIS B 254 1.81 10.02 19.05
CA HIS B 254 2.37 10.86 17.97
C HIS B 254 1.42 11.95 17.56
N GLU B 255 1.82 13.18 17.79
CA GLU B 255 0.96 14.31 17.42
C GLU B 255 0.66 14.31 15.92
N GLY B 256 -0.59 14.55 15.55
CA GLY B 256 -0.95 14.75 14.14
C GLY B 256 -1.22 13.49 13.32
N TYR B 257 -0.88 12.31 13.82
CA TYR B 257 -1.13 11.11 13.01
C TYR B 257 -2.55 10.59 13.23
N ASP B 258 -3.14 10.08 12.13
CA ASP B 258 -4.51 9.58 12.11
C ASP B 258 -4.53 8.08 12.44
N HIS B 259 -5.67 7.44 12.17
CA HIS B 259 -5.94 6.06 12.52
C HIS B 259 -5.41 5.05 11.51
N GLY B 260 -5.22 5.47 10.25
CA GLY B 260 -5.13 4.55 9.13
C GLY B 260 -3.72 4.18 8.73
N TYR B 261 -3.58 3.77 7.46
CA TYR B 261 -2.35 3.08 7.05
C TYR B 261 -1.22 4.01 6.65
N TYR B 262 -1.47 5.31 6.49
CA TYR B 262 -0.34 6.23 6.41
C TYR B 262 0.37 6.33 7.76
N PHE B 263 -0.41 6.32 8.85
CA PHE B 263 0.14 6.21 10.19
C PHE B 263 0.83 4.86 10.41
N ILE B 264 0.13 3.75 10.10
CA ILE B 264 0.71 2.43 10.36
C ILE B 264 2.01 2.25 9.59
N SER B 265 2.03 2.64 8.31
CA SER B 265 3.22 2.49 7.48
C SER B 265 4.43 3.22 8.05
N THR B 266 4.18 4.38 8.67
CA THR B 266 5.27 5.18 9.22
C THR B 266 6.03 4.43 10.31
N PHE B 267 5.32 3.64 11.11
CA PHE B 267 5.93 3.01 12.27
C PHE B 267 6.10 1.52 12.14
N ILE B 268 5.65 0.90 11.04
CA ILE B 268 5.72 -0.55 10.99
C ILE B 268 7.16 -1.02 10.90
N GLY B 269 8.08 -0.22 10.36
CA GLY B 269 9.47 -0.61 10.33
C GLY B 269 10.07 -0.74 11.72
N GLU B 270 9.73 0.21 12.60
CA GLU B 270 10.18 0.13 13.99
C GLU B 270 9.54 -1.04 14.71
N HIS B 271 8.30 -1.37 14.35
CA HIS B 271 7.68 -2.54 14.96
C HIS B 271 8.38 -3.83 14.53
N VAL B 272 8.72 -3.96 13.25
CA VAL B 272 9.36 -5.19 12.81
C VAL B 272 10.74 -5.31 13.46
N ALA B 273 11.44 -4.19 13.63
CA ALA B 273 12.71 -4.22 14.34
C ALA B 273 12.52 -4.58 15.80
N PHE B 274 11.51 -3.99 16.46
CA PHE B 274 11.18 -4.34 17.84
C PHE B 274 10.99 -5.85 17.99
N HIS B 275 10.16 -6.45 17.14
CA HIS B 275 9.93 -7.88 17.25
C HIS B 275 11.20 -8.67 16.93
N ALA B 276 11.93 -8.23 15.92
CA ALA B 276 13.14 -8.94 15.51
C ALA B 276 14.14 -9.06 16.66
N ARG B 277 14.19 -8.06 17.54
CA ARG B 277 15.14 -8.07 18.68
C ARG B 277 14.86 -9.29 19.57
N THR B 278 13.59 -9.69 19.66
CA THR B 278 13.23 -10.89 20.41
C THR B 278 13.26 -12.12 19.51
N LEU B 279 12.58 -12.05 18.36
CA LEU B 279 12.32 -13.25 17.57
C LEU B 279 13.57 -13.79 16.90
N CYS B 280 14.50 -12.90 16.55
CA CYS B 280 15.74 -13.24 15.88
C CYS B 280 16.90 -13.38 16.86
N ALA B 281 16.61 -13.45 18.16
CA ALA B 281 17.64 -13.60 19.17
C ALA B 281 18.16 -15.04 19.21
#